data_7T39
#
_entry.id   7T39
#
_cell.length_a   64.138
_cell.length_b   82.735
_cell.length_c   65.836
_cell.angle_alpha   90.000
_cell.angle_beta   97.940
_cell.angle_gamma   90.000
#
_symmetry.space_group_name_H-M   'P 1 21 1'
#
loop_
_entity.id
_entity.type
_entity.pdbx_description
1 polymer 'Protein arginine N-methyltransferase 9'
2 non-polymer 7-[5-S-(4-{[(2-ethylpyridin-3-yl)methyl]amino}butyl)-5-thio-beta-D-ribofuranosyl]-7H-pyrrolo[2,3-d]pyrimidin-4-amine
3 water water
#
_entity_poly.entity_id   1
_entity_poly.type   'polypeptide(L)'
_entity_poly.pdbx_seq_one_letter_code
;GAVKLNPDFSDAKENFYRVANWLVERWHFIMLNDTKRNTIYNAAIQKAVCLGSKSVLDIGAGTGILSMFAKKAGAHSVYA
CELSKTMYELACDVVAANKMEAGIKLLHTKSLDIEIPKHIPERVSLVVTETVDAGLFGEGIVESLIHAWEHLLLQPKTKG
ESANCEKYGKVIPASAVIFGMAVECAEIRRHHRVGIKDIAGIHLPTNVKFQSPAYSSVDTEETIEPYTTEKMSRVPGGYL
ALTECFEIMTVDFNNLQELKSLATKKPDKIGIPVIKEGILDAIMVWFVLQLDDEHSLSTSPSEETCWEQAVYPVQDLADY
WIKPGDHVMMEVSCQDCYLRIQSISVLGLECEMDVAKSFTQNKDLLSLGNEAELCSALANLQTSKPDAVEQTCILESTEI
ALLNNIPYHEGFKMAMSKVLSSLTPEKLYQTMDTHCQNEMSSGTGQSNTVQNILEPFYVLDVSEGFSVLPVIAGTLGQVK
PYSSVEKDQHRIALDLISEANHFPKETLEFWLRHVEDESAMLQRPKSDKLWSIIILDVIEPSGLIQQEIMEKAAISRCLL
QSGGKIFPQYVLMFGLLVESQTLLEENAVQGTERTLGLNIAPFINQFQVPIRVFLDLSSLPCIPLSKPVELLRLDLMTPY
LNTSNREVKVYVCKSGRLTAIPFWYHMYLDEEIRLDTSSEASHWKQAAVVLDNPIQVEMGEELVLSIQHHKSNVSITVKQ
;
_entity_poly.pdbx_strand_id   A
#
# COMPACT_ATOMS: atom_id res chain seq x y z
N TRP A 22 11.57 -4.45 -3.30
CA TRP A 22 11.19 -4.78 -4.71
C TRP A 22 11.80 -3.76 -5.68
N LEU A 23 13.03 -4.02 -6.16
CA LEU A 23 13.74 -3.22 -7.19
C LEU A 23 12.93 -3.21 -8.50
N VAL A 24 12.37 -4.37 -8.87
CA VAL A 24 11.35 -4.50 -9.96
C VAL A 24 9.96 -4.47 -9.31
N GLU A 25 9.17 -3.46 -9.65
CA GLU A 25 7.78 -3.22 -9.15
C GLU A 25 6.94 -4.50 -9.30
N ARG A 26 6.16 -4.86 -8.28
CA ARG A 26 5.45 -6.17 -8.19
C ARG A 26 4.30 -6.21 -9.22
N TRP A 27 3.85 -5.05 -9.70
CA TRP A 27 2.84 -4.95 -10.80
C TRP A 27 3.33 -5.72 -12.03
N HIS A 28 4.64 -5.68 -12.29
CA HIS A 28 5.29 -6.28 -13.49
C HIS A 28 4.98 -7.78 -13.56
N PHE A 29 4.91 -8.46 -12.42
CA PHE A 29 4.76 -9.94 -12.33
C PHE A 29 3.30 -10.34 -12.62
N ILE A 30 2.35 -9.65 -11.97
CA ILE A 30 0.89 -9.96 -12.06
C ILE A 30 0.42 -9.68 -13.49
N MET A 31 0.89 -8.57 -14.08
CA MET A 31 0.45 -8.07 -15.40
C MET A 31 0.98 -8.99 -16.50
N LEU A 32 2.18 -9.55 -16.34
CA LEU A 32 2.80 -10.49 -17.31
C LEU A 32 2.15 -11.87 -17.21
N ASN A 33 1.60 -12.22 -16.05
CA ASN A 33 0.84 -13.47 -15.79
C ASN A 33 -0.61 -13.33 -16.28
N ASP A 34 -1.09 -12.10 -16.46
CA ASP A 34 -2.45 -11.78 -16.96
C ASP A 34 -2.53 -12.08 -18.46
N THR A 35 -2.78 -13.35 -18.80
CA THR A 35 -2.83 -13.88 -20.20
C THR A 35 -3.86 -13.09 -21.02
N LYS A 36 -5.02 -12.79 -20.42
CA LYS A 36 -6.12 -12.03 -21.07
C LYS A 36 -5.56 -10.71 -21.62
N ARG A 37 -4.97 -9.89 -20.74
N ARG A 37 -4.97 -9.89 -20.74
CA ARG A 37 -4.41 -8.55 -21.07
CA ARG A 37 -4.42 -8.54 -21.08
C ARG A 37 -3.41 -8.68 -22.22
C ARG A 37 -3.41 -8.67 -22.21
N ASN A 38 -2.51 -9.66 -22.13
CA ASN A 38 -1.45 -9.91 -23.14
C ASN A 38 -2.11 -10.23 -24.49
N THR A 39 -3.16 -11.05 -24.50
CA THR A 39 -3.93 -11.45 -25.71
C THR A 39 -4.65 -10.23 -26.30
N ILE A 40 -5.30 -9.43 -25.45
CA ILE A 40 -6.08 -8.23 -25.88
C ILE A 40 -5.13 -7.23 -26.55
N TYR A 41 -3.93 -7.05 -25.98
CA TYR A 41 -2.89 -6.11 -26.48
C TYR A 41 -2.21 -6.69 -27.74
N ASN A 42 -1.99 -8.01 -27.78
CA ASN A 42 -1.34 -8.73 -28.91
C ASN A 42 -2.26 -8.71 -30.12
N ALA A 43 -3.58 -8.87 -29.91
CA ALA A 43 -4.61 -8.87 -30.97
C ALA A 43 -4.76 -7.46 -31.54
N ALA A 44 -4.76 -6.44 -30.68
CA ALA A 44 -4.93 -5.01 -31.03
C ALA A 44 -3.73 -4.54 -31.85
N ILE A 45 -2.53 -4.97 -31.48
CA ILE A 45 -1.25 -4.59 -32.16
C ILE A 45 -1.15 -5.37 -33.47
N GLN A 46 -1.47 -6.66 -33.45
CA GLN A 46 -1.60 -7.51 -34.67
C GLN A 46 -2.52 -6.81 -35.68
N LYS A 47 -3.70 -6.39 -35.23
CA LYS A 47 -4.72 -5.67 -36.05
C LYS A 47 -4.06 -4.44 -36.68
N ALA A 48 -3.43 -3.58 -35.87
CA ALA A 48 -2.82 -2.30 -36.30
C ALA A 48 -1.70 -2.57 -37.31
N VAL A 49 -0.80 -3.50 -36.97
CA VAL A 49 0.36 -3.90 -37.83
C VAL A 49 -0.17 -4.32 -39.20
N CYS A 50 -1.12 -5.26 -39.23
CA CYS A 50 -1.66 -5.88 -40.47
C CYS A 50 -2.52 -4.87 -41.25
N LEU A 51 -2.85 -3.73 -40.65
CA LEU A 51 -3.58 -2.61 -41.31
C LEU A 51 -2.60 -1.49 -41.67
N GLY A 52 -1.29 -1.77 -41.60
CA GLY A 52 -0.22 -0.95 -42.21
C GLY A 52 0.71 -0.30 -41.19
N SER A 53 0.42 -0.39 -39.89
CA SER A 53 1.24 0.18 -38.79
C SER A 53 2.52 -0.64 -38.62
N LYS A 54 3.49 -0.43 -39.51
CA LYS A 54 4.76 -1.20 -39.59
C LYS A 54 5.85 -0.53 -38.75
N SER A 55 5.62 0.72 -38.34
CA SER A 55 6.52 1.53 -37.50
C SER A 55 5.87 1.81 -36.13
N VAL A 56 6.37 1.18 -35.06
CA VAL A 56 5.76 1.18 -33.70
C VAL A 56 6.71 1.86 -32.72
N LEU A 57 6.18 2.67 -31.79
CA LEU A 57 6.91 3.21 -30.61
C LEU A 57 6.17 2.78 -29.32
N ASP A 58 6.85 1.99 -28.48
CA ASP A 58 6.36 1.48 -27.17
C ASP A 58 6.87 2.41 -26.07
N ILE A 59 6.01 3.26 -25.52
CA ILE A 59 6.35 4.16 -24.37
C ILE A 59 6.13 3.39 -23.07
N GLY A 60 7.13 3.37 -22.19
CA GLY A 60 7.15 2.50 -20.99
C GLY A 60 7.14 1.03 -21.34
N ALA A 61 8.17 0.57 -22.05
CA ALA A 61 8.27 -0.77 -22.68
C ALA A 61 8.32 -1.86 -21.61
N GLY A 62 8.91 -1.58 -20.44
CA GLY A 62 9.14 -2.57 -19.36
C GLY A 62 10.08 -3.68 -19.82
N THR A 63 9.61 -4.92 -19.79
CA THR A 63 10.35 -6.12 -20.28
C THR A 63 10.34 -6.15 -21.82
N GLY A 64 9.50 -5.32 -22.45
CA GLY A 64 9.47 -5.12 -23.91
C GLY A 64 8.58 -6.12 -24.63
N ILE A 65 7.59 -6.68 -23.92
CA ILE A 65 6.67 -7.75 -24.43
C ILE A 65 5.84 -7.19 -25.60
N LEU A 66 5.27 -5.99 -25.46
CA LEU A 66 4.36 -5.40 -26.47
C LEU A 66 5.16 -5.05 -27.73
N SER A 67 6.40 -4.59 -27.56
CA SER A 67 7.36 -4.31 -28.66
C SER A 67 7.68 -5.62 -29.40
N MET A 68 7.91 -6.70 -28.65
CA MET A 68 8.16 -8.06 -29.22
C MET A 68 6.88 -8.57 -29.91
N PHE A 69 5.70 -8.22 -29.41
CA PHE A 69 4.40 -8.53 -30.03
C PHE A 69 4.35 -7.89 -31.43
N ALA A 70 4.65 -6.60 -31.51
CA ALA A 70 4.59 -5.77 -32.74
C ALA A 70 5.49 -6.37 -33.83
N LYS A 71 6.76 -6.68 -33.50
CA LYS A 71 7.75 -7.26 -34.43
C LYS A 71 7.25 -8.65 -34.87
N LYS A 72 6.79 -9.46 -33.92
CA LYS A 72 6.24 -10.82 -34.17
C LYS A 72 5.00 -10.69 -35.09
N ALA A 73 4.20 -9.63 -34.91
CA ALA A 73 2.98 -9.34 -35.70
C ALA A 73 3.35 -8.97 -37.13
N GLY A 74 4.57 -8.45 -37.34
CA GLY A 74 5.14 -8.18 -38.69
C GLY A 74 5.51 -6.72 -38.89
N ALA A 75 5.57 -5.92 -37.83
CA ALA A 75 6.07 -4.52 -37.88
C ALA A 75 7.52 -4.54 -38.37
N HIS A 76 7.90 -3.56 -39.18
CA HIS A 76 9.26 -3.45 -39.79
C HIS A 76 10.26 -3.02 -38.71
N SER A 77 10.10 -1.80 -38.18
CA SER A 77 10.96 -1.22 -37.11
C SER A 77 10.12 -0.89 -35.86
N VAL A 78 10.54 -1.41 -34.70
CA VAL A 78 9.90 -1.15 -33.37
C VAL A 78 10.91 -0.40 -32.49
N TYR A 79 10.48 0.66 -31.82
CA TYR A 79 11.30 1.48 -30.89
C TYR A 79 10.65 1.45 -29.51
N ALA A 80 11.38 0.95 -28.52
CA ALA A 80 10.89 0.71 -27.13
C ALA A 80 11.66 1.61 -26.16
N CYS A 81 11.01 2.65 -25.63
CA CYS A 81 11.60 3.55 -24.61
C CYS A 81 11.15 3.12 -23.21
N GLU A 82 12.07 3.20 -22.24
CA GLU A 82 11.86 2.80 -20.83
C GLU A 82 12.63 3.79 -19.94
N LEU A 83 11.91 4.42 -19.01
CA LEU A 83 12.41 5.43 -18.05
C LEU A 83 13.43 4.77 -17.11
N SER A 84 13.05 3.66 -16.46
CA SER A 84 13.84 2.95 -15.42
C SER A 84 15.07 2.27 -16.05
N LYS A 85 16.22 2.38 -15.39
CA LYS A 85 17.51 1.72 -15.78
C LYS A 85 17.38 0.20 -15.65
N THR A 86 16.79 -0.25 -14.53
CA THR A 86 16.64 -1.69 -14.19
C THR A 86 15.80 -2.38 -15.27
N MET A 87 14.61 -1.83 -15.55
CA MET A 87 13.65 -2.39 -16.53
C MET A 87 14.26 -2.35 -17.95
N TYR A 88 14.99 -1.27 -18.30
CA TYR A 88 15.66 -1.11 -19.61
C TYR A 88 16.66 -2.25 -19.83
N GLU A 89 17.54 -2.46 -18.85
CA GLU A 89 18.60 -3.51 -18.90
C GLU A 89 17.92 -4.88 -18.94
N LEU A 90 16.78 -5.03 -18.27
CA LEU A 90 15.99 -6.29 -18.23
C LEU A 90 15.45 -6.60 -19.63
N ALA A 91 14.97 -5.59 -20.35
CA ALA A 91 14.37 -5.73 -21.71
C ALA A 91 15.46 -6.10 -22.72
N CYS A 92 16.61 -5.43 -22.66
CA CYS A 92 17.80 -5.72 -23.51
C CYS A 92 18.08 -7.22 -23.49
N ASP A 93 18.03 -7.83 -22.30
CA ASP A 93 18.29 -9.28 -22.08
C ASP A 93 17.14 -10.10 -22.66
N VAL A 94 15.89 -9.68 -22.39
CA VAL A 94 14.65 -10.41 -22.78
C VAL A 94 14.53 -10.41 -24.31
N VAL A 95 14.62 -9.24 -24.94
CA VAL A 95 14.56 -9.05 -26.40
C VAL A 95 15.66 -9.88 -27.05
N ALA A 96 16.90 -9.75 -26.56
CA ALA A 96 18.10 -10.46 -27.05
C ALA A 96 17.90 -11.97 -26.94
N ALA A 97 17.24 -12.42 -25.87
CA ALA A 97 17.07 -13.85 -25.51
C ALA A 97 15.99 -14.51 -26.37
N ASN A 98 15.07 -13.74 -26.94
CA ASN A 98 14.00 -14.22 -27.86
C ASN A 98 14.46 -14.07 -29.32
N LYS A 99 15.75 -13.76 -29.52
CA LYS A 99 16.42 -13.60 -30.85
C LYS A 99 15.65 -12.56 -31.67
N MET A 100 15.41 -11.38 -31.09
CA MET A 100 14.61 -10.27 -31.68
C MET A 100 15.33 -8.93 -31.50
N GLU A 101 16.63 -8.95 -31.17
CA GLU A 101 17.47 -7.74 -30.96
C GLU A 101 17.56 -6.94 -32.27
N ALA A 102 17.33 -7.61 -33.40
CA ALA A 102 17.51 -7.10 -34.78
C ALA A 102 16.63 -5.86 -35.04
N GLY A 103 15.31 -6.04 -35.14
CA GLY A 103 14.38 -5.01 -35.64
C GLY A 103 13.84 -4.10 -34.54
N ILE A 104 14.18 -4.37 -33.27
CA ILE A 104 13.71 -3.61 -32.08
C ILE A 104 14.89 -2.84 -31.46
N LYS A 105 14.79 -1.51 -31.40
CA LYS A 105 15.76 -0.62 -30.71
C LYS A 105 15.22 -0.27 -29.31
N LEU A 106 15.99 -0.60 -28.27
CA LEU A 106 15.66 -0.26 -26.86
C LEU A 106 16.30 1.07 -26.50
N LEU A 107 15.55 1.98 -25.89
CA LEU A 107 15.99 3.35 -25.53
C LEU A 107 15.80 3.57 -24.03
N HIS A 108 16.89 3.54 -23.25
CA HIS A 108 16.90 3.99 -21.83
C HIS A 108 16.68 5.50 -21.80
N THR A 109 15.42 5.92 -21.81
CA THR A 109 15.00 7.35 -21.86
C THR A 109 13.53 7.49 -21.46
N LYS A 110 13.15 8.67 -21.00
CA LYS A 110 11.75 9.17 -20.97
C LYS A 110 11.32 9.42 -22.43
N SER A 111 10.06 9.18 -22.75
CA SER A 111 9.46 9.47 -24.08
C SER A 111 9.76 10.92 -24.47
N LEU A 112 9.61 11.84 -23.50
CA LEU A 112 9.69 13.31 -23.69
C LEU A 112 11.03 13.71 -24.31
N ASP A 113 12.08 12.92 -24.05
CA ASP A 113 13.48 13.26 -24.40
C ASP A 113 13.91 12.53 -25.69
N ILE A 114 13.01 11.78 -26.33
CA ILE A 114 13.25 11.16 -27.66
C ILE A 114 13.16 12.27 -28.72
N GLU A 115 14.13 12.30 -29.63
CA GLU A 115 14.22 13.29 -30.75
C GLU A 115 14.42 12.53 -32.06
N ILE A 116 13.72 12.94 -33.12
CA ILE A 116 13.93 12.49 -34.52
C ILE A 116 14.84 13.52 -35.21
N PRO A 117 15.91 13.11 -35.92
CA PRO A 117 16.28 11.70 -36.08
C PRO A 117 17.36 11.17 -35.11
N LYS A 118 17.64 11.90 -34.03
CA LYS A 118 18.78 11.66 -33.10
C LYS A 118 18.68 10.26 -32.48
N HIS A 119 17.49 9.88 -31.99
CA HIS A 119 17.25 8.62 -31.22
C HIS A 119 16.46 7.62 -32.08
N ILE A 120 15.42 8.08 -32.79
CA ILE A 120 14.60 7.27 -33.74
C ILE A 120 14.80 7.86 -35.14
N PRO A 121 14.92 7.03 -36.20
CA PRO A 121 15.13 7.53 -37.56
C PRO A 121 13.98 8.44 -38.04
N GLU A 122 12.77 7.88 -38.16
CA GLU A 122 11.57 8.55 -38.74
C GLU A 122 10.47 8.68 -37.67
N ARG A 123 9.44 9.46 -37.99
CA ARG A 123 8.17 9.50 -37.21
C ARG A 123 7.46 8.15 -37.37
N VAL A 124 6.86 7.64 -36.28
CA VAL A 124 6.21 6.30 -36.23
C VAL A 124 4.74 6.45 -36.66
N SER A 125 4.14 5.35 -37.11
CA SER A 125 2.73 5.27 -37.58
C SER A 125 1.84 4.72 -36.48
N LEU A 126 2.44 4.28 -35.37
CA LEU A 126 1.72 3.70 -34.20
C LEU A 126 2.50 3.99 -32.92
N VAL A 127 1.80 4.40 -31.85
CA VAL A 127 2.33 4.46 -30.46
C VAL A 127 1.53 3.47 -29.61
N VAL A 128 2.23 2.60 -28.87
CA VAL A 128 1.65 1.70 -27.84
C VAL A 128 2.18 2.17 -26.49
N THR A 129 1.30 2.35 -25.50
CA THR A 129 1.65 2.87 -24.15
C THR A 129 0.86 2.12 -23.07
N GLU A 130 1.51 1.87 -21.94
CA GLU A 130 0.91 1.26 -20.72
C GLU A 130 1.29 2.12 -19.50
N THR A 131 1.58 3.40 -19.74
CA THR A 131 1.96 4.39 -18.69
C THR A 131 0.67 4.87 -18.01
N VAL A 132 0.04 3.95 -17.28
CA VAL A 132 -1.37 4.03 -16.79
C VAL A 132 -1.39 3.51 -15.36
N ASP A 133 -1.96 4.27 -14.42
CA ASP A 133 -2.16 3.85 -13.00
C ASP A 133 -3.67 3.70 -12.72
N ALA A 134 -4.04 3.46 -11.45
CA ALA A 134 -5.41 3.17 -11.03
C ALA A 134 -6.35 4.33 -11.41
N GLY A 135 -5.82 5.57 -11.34
CA GLY A 135 -6.52 6.80 -11.76
C GLY A 135 -6.17 7.22 -13.17
N LEU A 136 -5.73 6.25 -13.99
CA LEU A 136 -5.43 6.37 -15.46
C LEU A 136 -4.31 7.38 -15.74
N PHE A 137 -4.45 8.63 -15.29
CA PHE A 137 -3.62 9.79 -15.73
C PHE A 137 -2.32 9.87 -14.94
N GLY A 138 -2.22 9.14 -13.82
CA GLY A 138 -1.21 9.37 -12.76
C GLY A 138 0.21 9.01 -13.17
N GLU A 139 0.38 8.31 -14.30
CA GLU A 139 1.71 7.94 -14.84
C GLU A 139 2.02 8.82 -16.05
N GLY A 140 1.37 10.00 -16.14
CA GLY A 140 1.67 11.06 -17.11
C GLY A 140 1.48 10.60 -18.55
N ILE A 141 0.33 10.00 -18.86
CA ILE A 141 0.00 9.50 -20.24
C ILE A 141 -0.34 10.69 -21.13
N VAL A 142 -1.01 11.71 -20.59
CA VAL A 142 -1.45 12.90 -21.36
C VAL A 142 -0.20 13.62 -21.89
N GLU A 143 0.66 14.10 -20.97
CA GLU A 143 1.93 14.82 -21.28
C GLU A 143 2.73 14.01 -22.29
N SER A 144 2.85 12.69 -22.08
CA SER A 144 3.61 11.75 -22.94
C SER A 144 3.03 11.75 -24.36
N LEU A 145 1.71 11.76 -24.49
CA LEU A 145 1.00 11.62 -25.79
C LEU A 145 0.86 12.97 -26.48
N ILE A 146 0.86 14.08 -25.74
CA ILE A 146 0.94 15.46 -26.32
C ILE A 146 2.27 15.58 -27.06
N HIS A 147 3.38 15.18 -26.41
CA HIS A 147 4.74 15.14 -27.00
C HIS A 147 4.74 14.23 -28.24
N ALA A 148 4.16 13.03 -28.11
CA ALA A 148 4.18 11.96 -29.13
C ALA A 148 3.61 12.47 -30.46
N TRP A 149 2.40 13.05 -30.45
CA TRP A 149 1.72 13.61 -31.64
C TRP A 149 2.57 14.73 -32.25
N GLU A 150 3.15 15.58 -31.39
CA GLU A 150 3.85 16.83 -31.78
C GLU A 150 5.20 16.53 -32.43
N HIS A 151 5.89 15.46 -32.01
CA HIS A 151 7.32 15.21 -32.32
C HIS A 151 7.57 13.81 -32.91
N LEU A 152 6.92 12.76 -32.40
CA LEU A 152 7.30 11.34 -32.65
C LEU A 152 6.35 10.67 -33.65
N LEU A 153 5.09 11.10 -33.73
CA LEU A 153 4.00 10.42 -34.49
C LEU A 153 3.73 11.17 -35.81
N LEU A 154 3.36 10.41 -36.84
CA LEU A 154 2.83 10.95 -38.13
C LEU A 154 1.49 11.65 -37.87
N GLN A 155 1.13 12.60 -38.73
CA GLN A 155 -0.16 13.33 -38.68
C GLN A 155 -1.29 12.31 -38.66
N PRO A 156 -2.43 12.59 -37.96
CA PRO A 156 -3.56 11.67 -37.92
C PRO A 156 -4.41 11.70 -39.20
N LYS A 157 -5.52 10.95 -39.22
CA LYS A 157 -6.41 10.79 -40.41
C LYS A 157 -7.18 12.09 -40.67
N THR A 158 -7.23 12.55 -41.92
CA THR A 158 -7.90 13.80 -42.36
C THR A 158 -9.17 13.46 -43.14
N CYS A 165 -3.06 2.61 -41.10
CA CYS A 165 -2.40 2.86 -42.40
C CYS A 165 -0.94 3.29 -42.18
N GLU A 166 -0.08 3.05 -43.18
CA GLU A 166 1.37 3.38 -43.17
C GLU A 166 1.58 4.88 -43.40
N LYS A 167 0.52 5.60 -43.79
CA LYS A 167 0.57 7.04 -44.15
C LYS A 167 0.39 7.91 -42.88
N TYR A 168 -0.61 7.59 -42.04
CA TYR A 168 -1.01 8.41 -40.87
C TYR A 168 -0.65 7.67 -39.57
N GLY A 169 -0.54 8.43 -38.47
CA GLY A 169 -0.18 7.94 -37.13
C GLY A 169 -1.40 7.76 -36.24
N LYS A 170 -1.38 6.74 -35.38
CA LYS A 170 -2.47 6.42 -34.40
C LYS A 170 -1.84 5.97 -33.09
N VAL A 171 -2.64 5.84 -32.02
CA VAL A 171 -2.20 5.42 -30.66
C VAL A 171 -3.05 4.24 -30.18
N ILE A 172 -2.42 3.30 -29.48
CA ILE A 172 -3.08 2.26 -28.64
C ILE A 172 -2.59 2.46 -27.21
N PRO A 173 -3.48 2.67 -26.20
CA PRO A 173 -4.93 2.61 -26.40
C PRO A 173 -5.49 3.87 -27.08
N ALA A 174 -6.59 3.71 -27.82
CA ALA A 174 -7.24 4.76 -28.64
C ALA A 174 -7.94 5.78 -27.73
N SER A 175 -8.71 5.30 -26.75
CA SER A 175 -9.58 6.14 -25.88
C SER A 175 -9.80 5.46 -24.51
N ALA A 176 -10.29 6.24 -23.54
CA ALA A 176 -10.60 5.81 -22.16
C ALA A 176 -11.89 6.47 -21.68
N VAL A 177 -12.69 5.72 -20.91
CA VAL A 177 -13.90 6.23 -20.19
C VAL A 177 -13.68 6.03 -18.69
N ILE A 178 -13.55 7.13 -17.93
CA ILE A 178 -13.30 7.12 -16.46
C ILE A 178 -14.64 7.07 -15.73
N PHE A 179 -14.86 6.04 -14.92
CA PHE A 179 -16.08 5.84 -14.09
C PHE A 179 -15.77 6.12 -12.61
N GLY A 180 -16.79 6.52 -11.86
CA GLY A 180 -16.76 6.71 -10.39
C GLY A 180 -17.95 6.06 -9.70
N MET A 181 -17.87 5.90 -8.38
CA MET A 181 -18.91 5.29 -7.52
C MET A 181 -18.65 5.69 -6.06
N ALA A 182 -19.63 6.32 -5.40
CA ALA A 182 -19.66 6.53 -3.94
C ALA A 182 -19.83 5.17 -3.26
N VAL A 183 -18.98 4.88 -2.27
CA VAL A 183 -18.98 3.55 -1.58
C VAL A 183 -18.86 3.75 -0.07
N GLU A 184 -19.57 2.91 0.68
CA GLU A 184 -19.31 2.59 2.10
C GLU A 184 -18.24 1.52 2.13
N CYS A 185 -17.28 1.62 3.04
CA CYS A 185 -16.10 0.72 3.14
C CYS A 185 -15.32 1.09 4.40
N ALA A 186 -15.58 0.40 5.50
CA ALA A 186 -15.04 0.73 6.85
C ALA A 186 -13.52 0.58 6.84
N GLU A 187 -12.98 -0.19 5.89
CA GLU A 187 -11.52 -0.44 5.74
C GLU A 187 -10.81 0.83 5.30
N ILE A 188 -11.38 1.54 4.32
CA ILE A 188 -10.86 2.86 3.86
C ILE A 188 -11.08 3.87 4.99
N ARG A 189 -12.26 3.84 5.62
CA ARG A 189 -12.68 4.82 6.66
C ARG A 189 -11.65 4.87 7.79
N ARG A 190 -11.22 3.71 8.29
CA ARG A 190 -10.40 3.63 9.54
C ARG A 190 -9.00 4.18 9.24
N HIS A 191 -8.68 4.43 7.97
CA HIS A 191 -7.36 4.90 7.48
C HIS A 191 -7.38 6.41 7.19
N HIS A 192 -8.56 7.04 7.09
CA HIS A 192 -8.69 8.47 6.73
C HIS A 192 -9.55 9.26 7.72
N ARG A 193 -10.32 8.60 8.59
CA ARG A 193 -11.20 9.27 9.58
C ARG A 193 -11.08 8.61 10.96
N VAL A 194 -10.99 9.42 12.00
CA VAL A 194 -11.00 8.99 13.42
C VAL A 194 -12.46 8.87 13.86
N GLY A 195 -12.94 7.63 14.05
CA GLY A 195 -14.38 7.29 14.17
C GLY A 195 -14.94 7.56 15.57
N ILE A 196 -14.07 7.59 16.58
CA ILE A 196 -14.46 7.66 18.04
C ILE A 196 -14.27 9.10 18.54
N LYS A 197 -14.77 9.37 19.74
CA LYS A 197 -14.55 10.64 20.48
C LYS A 197 -13.82 10.37 21.81
N ASP A 198 -13.69 9.09 22.20
CA ASP A 198 -13.03 8.66 23.47
C ASP A 198 -12.27 7.35 23.23
N ILE A 199 -10.96 7.34 23.50
CA ILE A 199 -10.05 6.17 23.35
C ILE A 199 -9.52 5.78 24.73
N ALA A 200 -9.97 4.63 25.27
CA ALA A 200 -9.47 4.02 26.52
C ALA A 200 -9.24 5.10 27.60
N GLY A 201 -10.27 5.89 27.92
CA GLY A 201 -10.29 6.76 29.11
C GLY A 201 -10.06 8.22 28.78
N ILE A 202 -9.31 8.52 27.70
CA ILE A 202 -9.00 9.90 27.24
C ILE A 202 -10.04 10.33 26.20
N HIS A 203 -10.37 11.63 26.17
CA HIS A 203 -11.36 12.24 25.26
C HIS A 203 -10.62 13.07 24.20
N LEU A 204 -10.88 12.78 22.92
CA LEU A 204 -10.36 13.57 21.78
C LEU A 204 -11.25 14.80 21.61
N PRO A 205 -10.72 16.02 21.82
CA PRO A 205 -11.53 17.23 21.76
C PRO A 205 -11.97 17.56 20.33
N THR A 206 -13.19 18.08 20.20
CA THR A 206 -13.85 18.47 18.92
C THR A 206 -13.03 19.54 18.18
N ASN A 207 -12.15 20.27 18.89
CA ASN A 207 -11.36 21.40 18.33
C ASN A 207 -10.10 20.87 17.61
N VAL A 208 -9.84 19.57 17.65
CA VAL A 208 -8.70 18.94 16.90
C VAL A 208 -9.28 18.09 15.76
N LYS A 209 -9.16 18.57 14.51
CA LYS A 209 -9.70 17.91 13.30
C LYS A 209 -8.57 17.12 12.62
N PHE A 210 -8.56 15.80 12.79
CA PHE A 210 -7.57 14.87 12.18
C PHE A 210 -7.95 14.63 10.71
N GLN A 211 -7.08 15.05 9.80
CA GLN A 211 -7.23 14.82 8.34
C GLN A 211 -6.09 13.89 7.88
N SER A 212 -6.38 12.97 6.95
CA SER A 212 -5.37 12.12 6.28
C SER A 212 -4.62 12.95 5.24
N PRO A 213 -3.52 12.43 4.63
CA PRO A 213 -2.80 13.17 3.61
C PRO A 213 -3.59 13.33 2.29
N ALA A 214 -4.67 12.55 2.11
CA ALA A 214 -5.51 12.51 0.88
C ALA A 214 -6.59 13.59 0.92
N TYR A 215 -6.58 14.45 1.95
CA TYR A 215 -7.61 15.47 2.24
C TYR A 215 -7.53 16.61 1.23
N GLU A 225 -0.55 13.16 -3.76
CA GLU A 225 -1.13 11.89 -3.20
C GLU A 225 -2.63 12.06 -3.00
N PRO A 226 -3.41 12.31 -4.07
CA PRO A 226 -4.84 12.62 -3.93
C PRO A 226 -5.74 11.39 -3.77
N TYR A 227 -5.37 10.27 -4.41
CA TYR A 227 -6.06 8.96 -4.31
C TYR A 227 -5.05 7.90 -3.88
N THR A 228 -5.53 6.90 -3.14
CA THR A 228 -4.83 5.63 -2.83
C THR A 228 -5.27 4.61 -3.88
N THR A 229 -4.48 3.56 -4.11
CA THR A 229 -4.85 2.45 -5.02
C THR A 229 -5.14 1.21 -4.16
N GLU A 230 -6.32 0.62 -4.34
CA GLU A 230 -6.76 -0.60 -3.62
C GLU A 230 -7.29 -1.61 -4.64
N LYS A 231 -6.97 -2.89 -4.44
CA LYS A 231 -7.67 -4.01 -5.09
C LYS A 231 -9.01 -4.18 -4.37
N MET A 232 -10.02 -3.41 -4.79
CA MET A 232 -11.34 -3.29 -4.10
C MET A 232 -12.16 -4.58 -4.27
N SER A 233 -11.77 -5.47 -5.20
CA SER A 233 -12.42 -6.78 -5.42
C SER A 233 -12.17 -7.72 -4.24
N ARG A 234 -11.25 -7.37 -3.32
CA ARG A 234 -10.97 -8.19 -2.10
C ARG A 234 -10.58 -7.30 -0.90
N VAL A 235 -10.95 -6.02 -0.88
CA VAL A 235 -10.62 -5.12 0.27
C VAL A 235 -11.29 -5.67 1.52
N PRO A 236 -10.56 -5.82 2.65
CA PRO A 236 -11.11 -6.38 3.88
C PRO A 236 -12.45 -5.72 4.27
N GLY A 237 -13.43 -6.56 4.64
CA GLY A 237 -14.78 -6.14 5.07
C GLY A 237 -15.65 -5.73 3.89
N GLY A 238 -15.13 -5.88 2.66
CA GLY A 238 -15.81 -5.52 1.41
C GLY A 238 -16.21 -4.06 1.36
N TYR A 239 -16.96 -3.67 0.33
CA TYR A 239 -17.52 -2.31 0.13
C TYR A 239 -18.96 -2.45 -0.36
N LEU A 240 -19.78 -1.42 -0.13
N LEU A 240 -19.75 -1.40 -0.16
CA LEU A 240 -21.19 -1.34 -0.58
CA LEU A 240 -21.18 -1.31 -0.56
C LEU A 240 -21.37 -0.11 -1.48
C LEU A 240 -21.37 -0.11 -1.49
N ALA A 241 -22.05 -0.30 -2.62
CA ALA A 241 -22.36 0.77 -3.60
C ALA A 241 -23.45 1.67 -3.04
N LEU A 242 -23.14 2.95 -2.79
CA LEU A 242 -24.12 3.95 -2.27
C LEU A 242 -24.78 4.67 -3.46
N THR A 243 -24.07 4.78 -4.59
CA THR A 243 -24.61 5.32 -5.86
C THR A 243 -24.48 4.26 -6.96
N GLU A 244 -25.21 4.44 -8.06
CA GLU A 244 -24.96 3.76 -9.36
C GLU A 244 -23.57 4.19 -9.86
N CYS A 245 -22.89 3.35 -10.65
CA CYS A 245 -21.61 3.72 -11.30
C CYS A 245 -21.89 4.87 -12.27
N PHE A 246 -21.11 5.94 -12.20
CA PHE A 246 -21.29 7.17 -13.01
C PHE A 246 -19.99 7.47 -13.78
N GLU A 247 -20.12 8.28 -14.84
CA GLU A 247 -19.05 8.60 -15.82
C GLU A 247 -18.37 9.91 -15.39
N ILE A 248 -17.10 9.86 -15.01
CA ILE A 248 -16.36 11.00 -14.38
C ILE A 248 -15.79 11.89 -15.49
N MET A 249 -15.27 11.30 -16.56
CA MET A 249 -14.90 11.98 -17.83
C MET A 249 -14.55 10.93 -18.89
N THR A 250 -14.38 11.38 -20.14
CA THR A 250 -13.83 10.59 -21.27
C THR A 250 -12.58 11.30 -21.81
N VAL A 251 -11.69 10.57 -22.48
CA VAL A 251 -10.48 11.13 -23.13
C VAL A 251 -10.22 10.36 -24.44
N ASP A 252 -9.99 11.10 -25.53
CA ASP A 252 -9.55 10.56 -26.84
C ASP A 252 -8.03 10.73 -26.95
N PHE A 253 -7.29 9.64 -26.79
CA PHE A 253 -5.80 9.62 -26.78
C PHE A 253 -5.29 9.88 -28.20
N ASN A 254 -6.18 9.86 -29.21
CA ASN A 254 -5.86 10.13 -30.64
C ASN A 254 -6.24 11.57 -30.99
N ASN A 255 -6.59 12.39 -30.00
CA ASN A 255 -7.00 13.81 -30.20
C ASN A 255 -6.04 14.71 -29.41
N LEU A 256 -5.05 15.28 -30.11
CA LEU A 256 -4.02 16.18 -29.52
C LEU A 256 -4.67 17.46 -28.99
N GLN A 257 -5.64 18.00 -29.73
CA GLN A 257 -6.31 19.30 -29.44
C GLN A 257 -7.10 19.20 -28.15
N GLU A 258 -7.58 17.99 -27.82
CA GLU A 258 -8.36 17.65 -26.60
C GLU A 258 -7.40 17.52 -25.40
N LEU A 259 -6.27 16.84 -25.58
CA LEU A 259 -5.29 16.53 -24.50
C LEU A 259 -4.67 17.85 -24.00
N LYS A 260 -4.40 18.78 -24.92
CA LYS A 260 -3.81 20.11 -24.61
C LYS A 260 -4.83 20.98 -23.87
N SER A 261 -6.13 20.63 -23.96
CA SER A 261 -7.26 21.41 -23.41
C SER A 261 -7.46 21.11 -21.92
N LEU A 262 -6.95 19.98 -21.43
CA LEU A 262 -7.25 19.44 -20.08
C LEU A 262 -6.62 20.32 -18.98
N ALA A 263 -5.50 20.99 -19.29
CA ALA A 263 -4.69 21.74 -18.30
C ALA A 263 -5.42 23.02 -17.87
N THR A 264 -6.28 23.55 -18.74
CA THR A 264 -6.96 24.87 -18.61
C THR A 264 -8.46 24.67 -18.38
N LYS A 265 -9.00 23.51 -18.78
CA LYS A 265 -10.46 23.19 -18.72
C LYS A 265 -10.98 23.44 -17.31
N LYS A 266 -12.14 24.08 -17.19
CA LYS A 266 -12.82 24.37 -15.89
C LYS A 266 -13.38 23.06 -15.33
N PRO A 267 -13.26 22.84 -14.00
CA PRO A 267 -13.74 21.60 -13.38
C PRO A 267 -15.23 21.35 -13.66
N ASP A 268 -15.60 20.08 -13.82
CA ASP A 268 -17.00 19.62 -14.05
C ASP A 268 -17.68 19.44 -12.67
N LYS A 269 -18.47 20.41 -12.24
CA LYS A 269 -19.33 20.31 -11.03
C LYS A 269 -20.46 19.31 -11.32
N ILE A 270 -20.51 18.21 -10.56
CA ILE A 270 -21.53 17.13 -10.73
C ILE A 270 -22.14 16.78 -9.38
N GLY A 271 -23.27 16.08 -9.42
CA GLY A 271 -24.02 15.57 -8.26
C GLY A 271 -24.64 14.24 -8.61
N ILE A 272 -24.27 13.17 -7.91
CA ILE A 272 -24.71 11.78 -8.22
C ILE A 272 -25.76 11.37 -7.20
N PRO A 273 -26.97 10.97 -7.66
CA PRO A 273 -28.04 10.53 -6.75
C PRO A 273 -27.65 9.25 -5.99
N VAL A 274 -27.98 9.21 -4.69
CA VAL A 274 -27.76 8.04 -3.79
C VAL A 274 -28.91 7.05 -3.97
N ILE A 275 -28.60 5.75 -4.01
CA ILE A 275 -29.54 4.65 -4.34
C ILE A 275 -29.62 3.65 -3.18
N LYS A 276 -28.70 3.76 -2.21
CA LYS A 276 -28.63 2.89 -1.02
C LYS A 276 -28.24 3.74 0.19
N GLU A 277 -28.87 3.48 1.34
CA GLU A 277 -28.48 4.08 2.66
C GLU A 277 -27.10 3.57 3.04
N GLY A 278 -26.24 4.45 3.54
CA GLY A 278 -24.94 4.06 4.11
C GLY A 278 -24.08 5.24 4.48
N ILE A 279 -22.85 4.96 4.92
CA ILE A 279 -21.82 5.95 5.32
C ILE A 279 -20.92 6.21 4.11
N LEU A 280 -20.89 7.45 3.62
CA LEU A 280 -19.99 7.88 2.51
C LEU A 280 -18.55 7.81 2.98
N ASP A 281 -17.79 6.82 2.49
CA ASP A 281 -16.41 6.53 2.93
C ASP A 281 -15.42 6.94 1.84
N ALA A 282 -15.75 6.70 0.56
CA ALA A 282 -14.87 7.05 -0.57
C ALA A 282 -15.65 7.11 -1.89
N ILE A 283 -15.03 7.72 -2.90
CA ILE A 283 -15.38 7.62 -4.34
C ILE A 283 -14.41 6.62 -4.98
N MET A 284 -14.89 5.40 -5.26
CA MET A 284 -14.11 4.35 -5.97
C MET A 284 -14.09 4.67 -7.45
N VAL A 285 -12.91 4.77 -8.05
CA VAL A 285 -12.71 5.21 -9.47
C VAL A 285 -12.01 4.10 -10.22
N TRP A 286 -12.48 3.82 -11.44
CA TRP A 286 -11.83 2.92 -12.42
C TRP A 286 -12.02 3.52 -13.82
N PHE A 287 -11.73 2.76 -14.87
CA PHE A 287 -11.91 3.21 -16.28
C PHE A 287 -12.01 2.02 -17.23
N VAL A 288 -12.35 2.31 -18.49
CA VAL A 288 -12.30 1.34 -19.63
C VAL A 288 -11.37 1.92 -20.70
N LEU A 289 -10.31 1.19 -21.04
CA LEU A 289 -9.43 1.48 -22.20
C LEU A 289 -10.03 0.81 -23.44
N GLN A 290 -10.28 1.60 -24.49
CA GLN A 290 -10.58 1.13 -25.86
C GLN A 290 -9.26 1.11 -26.65
N LEU A 291 -8.66 -0.06 -26.82
CA LEU A 291 -7.40 -0.23 -27.60
C LEU A 291 -7.67 0.12 -29.06
N ASP A 292 -8.65 -0.55 -29.66
CA ASP A 292 -9.26 -0.23 -30.97
C ASP A 292 -10.78 -0.45 -30.86
N ASP A 293 -11.52 -0.32 -31.97
CA ASP A 293 -12.99 -0.46 -32.02
C ASP A 293 -13.44 -1.83 -31.48
N GLU A 294 -12.59 -2.86 -31.57
CA GLU A 294 -12.96 -4.29 -31.34
C GLU A 294 -12.44 -4.81 -29.99
N HIS A 295 -11.37 -4.22 -29.44
CA HIS A 295 -10.66 -4.73 -28.22
C HIS A 295 -10.67 -3.66 -27.13
N SER A 296 -11.03 -4.03 -25.90
CA SER A 296 -11.08 -3.13 -24.71
C SER A 296 -10.73 -3.88 -23.42
N LEU A 297 -10.23 -3.14 -22.42
CA LEU A 297 -9.83 -3.66 -21.08
C LEU A 297 -10.34 -2.69 -20.00
N SER A 298 -10.98 -3.22 -18.96
CA SER A 298 -11.59 -2.44 -17.84
C SER A 298 -10.84 -2.71 -16.53
N THR A 299 -10.63 -1.66 -15.73
CA THR A 299 -10.03 -1.73 -14.38
C THR A 299 -11.14 -1.83 -13.32
N SER A 300 -12.36 -2.15 -13.75
CA SER A 300 -13.53 -2.37 -12.85
C SER A 300 -13.16 -3.48 -11.85
N PRO A 301 -13.48 -3.28 -10.55
CA PRO A 301 -13.13 -4.26 -9.54
C PRO A 301 -13.68 -5.65 -9.91
N SER A 302 -12.82 -6.66 -9.89
CA SER A 302 -13.13 -8.08 -10.22
C SER A 302 -12.03 -8.99 -9.68
N GLU A 303 -12.41 -10.16 -9.15
CA GLU A 303 -11.46 -11.20 -8.65
C GLU A 303 -10.84 -11.95 -9.84
N GLU A 304 -11.35 -11.73 -11.06
CA GLU A 304 -10.81 -12.29 -12.32
C GLU A 304 -9.66 -11.42 -12.83
N THR A 305 -9.81 -10.10 -12.76
CA THR A 305 -8.81 -9.10 -13.23
C THR A 305 -7.75 -8.87 -12.13
N CYS A 306 -6.59 -8.34 -12.54
CA CYS A 306 -5.43 -7.99 -11.67
C CYS A 306 -5.51 -6.52 -11.26
N TRP A 307 -6.34 -5.75 -11.96
CA TRP A 307 -6.36 -4.26 -11.95
C TRP A 307 -6.81 -3.75 -10.58
N GLU A 308 -6.23 -2.63 -10.15
CA GLU A 308 -6.59 -1.93 -8.88
C GLU A 308 -7.40 -0.68 -9.21
N GLN A 309 -8.02 -0.08 -8.19
CA GLN A 309 -8.96 1.06 -8.32
C GLN A 309 -8.37 2.27 -7.58
N ALA A 310 -8.62 3.46 -8.12
CA ALA A 310 -8.32 4.75 -7.47
C ALA A 310 -9.40 5.00 -6.41
N VAL A 311 -8.98 5.21 -5.16
CA VAL A 311 -9.90 5.43 -4.01
C VAL A 311 -9.68 6.84 -3.47
N TYR A 312 -10.70 7.70 -3.57
CA TYR A 312 -10.70 9.09 -3.08
C TYR A 312 -11.47 9.15 -1.75
N PRO A 313 -10.77 9.15 -0.60
CA PRO A 313 -11.45 9.13 0.69
C PRO A 313 -12.24 10.42 0.93
N VAL A 314 -13.43 10.30 1.50
CA VAL A 314 -14.30 11.44 1.89
C VAL A 314 -14.02 11.79 3.36
N GLN A 315 -13.80 13.08 3.62
CA GLN A 315 -13.60 13.63 4.99
C GLN A 315 -13.88 15.14 4.97
N ASP A 316 -13.87 15.77 6.14
CA ASP A 316 -14.17 17.22 6.35
C ASP A 316 -15.65 17.48 6.07
N LEU A 317 -16.53 16.56 6.51
CA LEU A 317 -18.00 16.72 6.53
C LEU A 317 -18.49 16.60 7.98
N ALA A 318 -19.58 17.30 8.32
CA ALA A 318 -20.24 17.28 9.65
C ALA A 318 -20.94 15.93 9.87
N ASP A 319 -21.61 15.40 8.82
CA ASP A 319 -22.25 14.05 8.77
C ASP A 319 -21.84 13.35 7.46
N TYR A 320 -21.73 12.02 7.50
CA TYR A 320 -21.29 11.14 6.36
C TYR A 320 -22.43 10.21 5.96
N TRP A 321 -23.52 10.16 6.73
CA TRP A 321 -24.68 9.28 6.46
C TRP A 321 -25.46 9.82 5.26
N ILE A 322 -25.61 9.02 4.20
CA ILE A 322 -26.34 9.41 2.97
C ILE A 322 -27.46 8.41 2.71
N LYS A 323 -28.61 8.91 2.27
CA LYS A 323 -29.88 8.15 2.08
C LYS A 323 -30.38 8.39 0.66
N PRO A 324 -31.16 7.44 0.08
CA PRO A 324 -31.81 7.67 -1.21
C PRO A 324 -32.65 8.96 -1.17
N GLY A 325 -32.43 9.84 -2.15
CA GLY A 325 -32.95 11.23 -2.16
C GLY A 325 -31.81 12.23 -2.16
N ASP A 326 -30.77 11.97 -1.35
CA ASP A 326 -29.56 12.84 -1.21
C ASP A 326 -28.75 12.80 -2.51
N HIS A 327 -27.83 13.76 -2.67
CA HIS A 327 -26.87 13.83 -3.82
C HIS A 327 -25.44 13.89 -3.28
N VAL A 328 -24.53 13.11 -3.87
CA VAL A 328 -23.06 13.22 -3.66
C VAL A 328 -22.52 14.26 -4.66
N MET A 329 -22.12 15.44 -4.15
CA MET A 329 -21.54 16.57 -4.93
C MET A 329 -20.01 16.43 -5.02
N MET A 330 -19.41 16.81 -6.15
CA MET A 330 -17.93 16.83 -6.31
C MET A 330 -17.53 17.60 -7.58
N GLU A 331 -16.37 18.26 -7.54
CA GLU A 331 -15.68 18.89 -8.70
C GLU A 331 -14.60 17.96 -9.24
N VAL A 332 -14.66 17.63 -10.53
CA VAL A 332 -13.65 16.77 -11.23
C VAL A 332 -12.77 17.67 -12.11
N SER A 333 -11.46 17.65 -11.88
CA SER A 333 -10.44 18.43 -12.63
C SER A 333 -9.22 17.55 -12.91
N CYS A 334 -8.70 17.59 -14.14
CA CYS A 334 -7.50 16.84 -14.59
C CYS A 334 -6.46 17.83 -15.13
N GLN A 335 -6.18 18.89 -14.37
CA GLN A 335 -5.40 20.07 -14.84
C GLN A 335 -3.88 19.80 -14.72
N ASP A 336 -3.41 19.32 -13.57
CA ASP A 336 -1.98 19.00 -13.30
C ASP A 336 -1.84 17.49 -13.07
N CYS A 337 -1.65 16.73 -14.15
CA CYS A 337 -1.40 15.26 -14.17
C CYS A 337 -2.59 14.48 -13.59
N TYR A 338 -2.72 14.39 -12.26
CA TYR A 338 -3.67 13.49 -11.55
C TYR A 338 -5.12 13.89 -11.85
N LEU A 339 -6.01 12.89 -11.86
CA LEU A 339 -7.49 13.06 -11.75
C LEU A 339 -7.81 13.48 -10.32
N ARG A 340 -8.44 14.64 -10.15
CA ARG A 340 -8.74 15.22 -8.81
C ARG A 340 -10.26 15.29 -8.61
N ILE A 341 -10.73 14.80 -7.48
CA ILE A 341 -12.13 14.93 -7.00
C ILE A 341 -12.09 15.74 -5.70
N GLN A 342 -12.42 17.02 -5.79
CA GLN A 342 -12.38 17.97 -4.66
C GLN A 342 -13.81 18.40 -4.32
N SER A 343 -14.00 19.05 -3.17
CA SER A 343 -15.28 19.69 -2.74
C SER A 343 -16.41 18.65 -2.76
N ILE A 344 -16.15 17.46 -2.22
CA ILE A 344 -17.16 16.38 -2.06
C ILE A 344 -18.11 16.82 -0.94
N SER A 345 -19.43 16.88 -1.23
CA SER A 345 -20.49 17.37 -0.31
C SER A 345 -21.73 16.47 -0.41
N VAL A 346 -22.72 16.71 0.47
CA VAL A 346 -24.05 16.04 0.48
C VAL A 346 -25.14 17.13 0.50
N LEU A 347 -26.08 17.07 -0.46
CA LEU A 347 -27.30 17.92 -0.52
C LEU A 347 -28.54 17.02 -0.53
N GLY A 348 -29.43 17.20 0.46
CA GLY A 348 -30.63 16.36 0.67
C GLY A 348 -31.68 16.58 -0.39
N GLU A 390 -10.24 25.57 16.65
CA GLU A 390 -10.41 24.54 15.58
C GLU A 390 -9.08 24.32 14.86
N GLN A 391 -8.20 23.48 15.44
CA GLN A 391 -6.83 23.14 14.92
C GLN A 391 -6.94 21.89 14.03
N THR A 392 -6.20 21.88 12.91
CA THR A 392 -6.12 20.73 11.97
C THR A 392 -4.78 20.01 12.17
N CYS A 393 -4.84 18.72 12.51
CA CYS A 393 -3.67 17.83 12.69
C CYS A 393 -3.66 16.81 11.55
N ILE A 394 -2.72 16.94 10.61
CA ILE A 394 -2.54 15.96 9.50
C ILE A 394 -1.81 14.75 10.07
N LEU A 395 -2.47 13.58 10.09
CA LEU A 395 -1.89 12.27 10.44
C LEU A 395 -1.75 11.45 9.16
N GLU A 396 -0.74 10.56 9.12
CA GLU A 396 -0.60 9.48 8.12
C GLU A 396 -1.76 8.50 8.30
N SER A 397 -2.15 7.79 7.22
CA SER A 397 -3.20 6.74 7.23
C SER A 397 -2.94 5.74 8.36
N THR A 398 -1.69 5.33 8.55
CA THR A 398 -1.24 4.36 9.60
C THR A 398 -1.54 4.93 10.98
N GLU A 399 -1.38 6.25 11.16
CA GLU A 399 -1.59 6.95 12.45
C GLU A 399 -3.10 7.09 12.71
N ILE A 400 -3.90 7.31 11.68
CA ILE A 400 -5.39 7.33 11.79
C ILE A 400 -5.87 5.91 12.14
N ALA A 401 -5.42 4.90 11.41
CA ALA A 401 -5.68 3.47 11.70
C ALA A 401 -5.37 3.19 13.17
N LEU A 402 -4.22 3.66 13.65
CA LEU A 402 -3.77 3.51 15.07
C LEU A 402 -4.85 4.08 16.00
N LEU A 403 -5.30 5.33 15.79
CA LEU A 403 -6.28 6.01 16.67
C LEU A 403 -7.59 5.22 16.72
N ASN A 404 -7.89 4.42 15.69
CA ASN A 404 -9.14 3.62 15.57
C ASN A 404 -8.92 2.21 16.12
N ASN A 405 -7.67 1.80 16.36
CA ASN A 405 -7.32 0.48 16.95
C ASN A 405 -7.55 0.52 18.46
N ILE A 406 -8.79 0.29 18.89
CA ILE A 406 -9.26 0.48 20.29
C ILE A 406 -8.59 -0.55 21.20
N PRO A 407 -8.61 -1.86 20.86
CA PRO A 407 -8.01 -2.88 21.73
C PRO A 407 -6.56 -2.54 22.12
N TYR A 408 -5.80 -2.02 21.15
CA TYR A 408 -4.39 -1.58 21.31
C TYR A 408 -4.28 -0.59 22.48
N HIS A 409 -5.20 0.36 22.56
CA HIS A 409 -5.20 1.45 23.58
C HIS A 409 -5.81 0.95 24.89
N GLU A 410 -6.85 0.11 24.82
CA GLU A 410 -7.49 -0.49 26.02
C GLU A 410 -6.48 -1.44 26.67
N GLY A 411 -5.72 -2.18 25.86
CA GLY A 411 -4.64 -3.07 26.32
C GLY A 411 -3.53 -2.28 27.02
N PHE A 412 -3.07 -1.20 26.40
CA PHE A 412 -1.98 -0.34 26.91
C PHE A 412 -2.42 0.30 28.23
N LYS A 413 -3.66 0.80 28.31
CA LYS A 413 -4.23 1.41 29.53
C LYS A 413 -4.13 0.42 30.70
N MET A 414 -4.62 -0.81 30.52
CA MET A 414 -4.69 -1.86 31.57
C MET A 414 -3.27 -2.34 31.92
N ALA A 415 -2.42 -2.54 30.92
CA ALA A 415 -1.05 -3.11 31.07
C ALA A 415 -0.18 -2.14 31.88
N MET A 416 -0.27 -0.84 31.57
CA MET A 416 0.48 0.24 32.24
C MET A 416 0.05 0.34 33.72
N SER A 417 -1.26 0.39 33.96
CA SER A 417 -1.87 0.55 35.31
C SER A 417 -1.46 -0.61 36.23
N LYS A 418 -1.35 -1.82 35.67
CA LYS A 418 -0.92 -3.05 36.40
C LYS A 418 0.51 -2.87 36.92
N VAL A 419 1.37 -2.20 36.14
CA VAL A 419 2.79 -1.91 36.48
C VAL A 419 2.85 -0.72 37.46
N LEU A 420 2.03 0.31 37.22
CA LEU A 420 1.90 1.49 38.14
C LEU A 420 1.42 1.02 39.52
N SER A 421 0.56 0.00 39.56
CA SER A 421 -0.02 -0.56 40.82
C SER A 421 1.06 -1.35 41.58
N SER A 422 1.92 -2.07 40.87
CA SER A 422 2.94 -2.98 41.44
C SER A 422 4.12 -2.18 42.02
N LEU A 423 4.33 -0.94 41.55
CA LEU A 423 5.47 -0.07 41.96
C LEU A 423 5.05 0.82 43.13
N THR A 424 4.06 1.69 42.91
CA THR A 424 3.54 2.67 43.90
C THR A 424 2.04 2.81 43.73
N PRO A 425 1.22 1.88 44.30
CA PRO A 425 -0.22 1.89 44.09
C PRO A 425 -0.93 3.10 44.70
N GLU A 426 -0.26 3.82 45.61
CA GLU A 426 -0.75 5.09 46.23
C GLU A 426 -0.92 6.16 45.13
N LYS A 427 -0.06 6.12 44.10
CA LYS A 427 0.02 7.16 43.03
C LYS A 427 -1.01 6.87 41.92
N LEU A 428 -1.58 5.65 41.89
CA LEU A 428 -2.60 5.23 40.89
C LEU A 428 -3.98 5.79 41.30
N TYR A 429 -4.72 6.37 40.35
CA TYR A 429 -6.05 6.96 40.59
C TYR A 429 -7.10 5.84 40.66
N ASN A 452 7.04 9.68 48.10
CA ASN A 452 7.29 11.09 47.71
C ASN A 452 6.17 11.58 46.79
N ILE A 453 5.39 12.56 47.27
CA ILE A 453 4.25 13.20 46.54
C ILE A 453 4.77 13.98 45.33
N LEU A 454 5.88 14.72 45.50
CA LEU A 454 6.45 15.60 44.44
C LEU A 454 7.07 14.76 43.32
N GLU A 455 7.39 13.49 43.58
CA GLU A 455 8.02 12.56 42.59
C GLU A 455 6.93 11.75 41.88
N PRO A 456 6.76 11.91 40.55
CA PRO A 456 5.76 11.18 39.80
C PRO A 456 6.30 9.91 39.16
N PHE A 457 5.43 9.12 38.50
CA PHE A 457 5.79 8.01 37.59
C PHE A 457 6.31 8.59 36.27
N TYR A 458 7.56 8.29 35.94
CA TYR A 458 8.19 8.70 34.65
C TYR A 458 7.87 7.63 33.61
N VAL A 459 7.13 8.01 32.55
CA VAL A 459 6.69 7.12 31.43
C VAL A 459 7.15 7.74 30.10
N LEU A 460 8.08 7.07 29.42
CA LEU A 460 8.60 7.47 28.08
C LEU A 460 7.92 6.64 26.99
N ASP A 461 7.30 7.33 26.02
CA ASP A 461 6.76 6.74 24.77
C ASP A 461 7.77 7.03 23.65
N VAL A 462 8.36 5.97 23.08
CA VAL A 462 9.34 6.04 21.94
C VAL A 462 8.66 5.49 20.68
N SER A 463 7.34 5.66 20.56
CA SER A 463 6.56 5.34 19.35
C SER A 463 6.99 6.28 18.21
N GLU A 464 7.32 5.72 17.04
CA GLU A 464 7.89 6.44 15.87
C GLU A 464 7.08 7.72 15.61
N GLY A 465 5.81 7.57 15.21
CA GLY A 465 4.98 8.68 14.70
C GLY A 465 4.14 9.33 15.79
N PHE A 466 2.89 9.67 15.47
CA PHE A 466 1.87 10.21 16.42
C PHE A 466 1.39 9.07 17.33
N SER A 467 1.23 9.37 18.62
CA SER A 467 0.79 8.43 19.69
C SER A 467 0.13 9.20 20.84
N VAL A 468 -0.93 8.64 21.41
CA VAL A 468 -1.73 9.23 22.53
C VAL A 468 -1.51 8.41 23.79
N LEU A 469 -0.57 7.45 23.74
CA LEU A 469 -0.21 6.57 24.88
C LEU A 469 0.24 7.41 26.08
N PRO A 470 1.01 8.51 25.87
CA PRO A 470 1.40 9.39 26.97
C PRO A 470 0.19 9.97 27.70
N VAL A 471 -0.82 10.42 26.96
CA VAL A 471 -2.05 11.03 27.56
C VAL A 471 -2.74 9.97 28.43
N ILE A 472 -2.97 8.77 27.89
CA ILE A 472 -3.62 7.64 28.62
C ILE A 472 -2.88 7.43 29.94
N ALA A 473 -1.55 7.33 29.90
CA ALA A 473 -0.67 7.22 31.08
C ALA A 473 -0.96 8.37 32.05
N GLY A 474 -1.00 9.60 31.56
CA GLY A 474 -1.24 10.83 32.35
C GLY A 474 -2.54 10.77 33.14
N THR A 475 -3.55 10.07 32.61
CA THR A 475 -4.90 9.96 33.22
C THR A 475 -4.91 8.90 34.32
N LEU A 476 -3.90 8.03 34.39
CA LEU A 476 -3.89 6.83 35.26
C LEU A 476 -3.56 7.22 36.70
N GLY A 477 -2.59 8.13 36.91
CA GLY A 477 -2.07 8.47 38.25
C GLY A 477 -1.19 9.72 38.25
N GLN A 478 -0.43 9.90 39.33
CA GLN A 478 0.67 10.90 39.44
C GLN A 478 1.79 10.48 38.48
N VAL A 479 1.56 10.72 37.18
CA VAL A 479 2.44 10.27 36.05
C VAL A 479 2.96 11.52 35.33
N LYS A 480 4.25 11.54 35.00
CA LYS A 480 4.89 12.54 34.11
C LYS A 480 5.22 11.85 32.80
N PRO A 481 4.29 11.88 31.80
CA PRO A 481 4.49 11.17 30.54
C PRO A 481 5.24 12.05 29.53
N TYR A 482 6.07 11.41 28.70
CA TYR A 482 6.91 12.07 27.67
C TYR A 482 6.47 11.59 26.28
N SER A 483 6.27 12.55 25.36
CA SER A 483 5.95 12.31 23.92
C SER A 483 7.23 12.36 23.07
N SER A 484 7.33 11.52 22.05
CA SER A 484 8.50 11.43 21.14
C SER A 484 8.12 11.92 19.73
N VAL A 485 7.00 12.64 19.59
CA VAL A 485 6.56 13.22 18.28
C VAL A 485 7.55 14.32 17.88
N GLU A 486 7.88 14.38 16.58
CA GLU A 486 8.79 15.39 15.96
C GLU A 486 7.96 16.56 15.40
N LYS A 487 6.91 16.26 14.63
CA LYS A 487 6.09 17.28 13.91
C LYS A 487 5.45 18.24 14.92
N ASP A 488 5.60 19.55 14.70
CA ASP A 488 5.09 20.62 15.60
C ASP A 488 3.55 20.57 15.61
N GLN A 489 2.93 20.24 14.47
CA GLN A 489 1.46 20.06 14.31
C GLN A 489 0.96 19.00 15.30
N HIS A 490 1.73 17.92 15.50
CA HIS A 490 1.45 16.81 16.45
C HIS A 490 1.51 17.30 17.90
N ARG A 491 2.48 18.16 18.22
CA ARG A 491 2.72 18.71 19.58
C ARG A 491 1.52 19.55 20.00
N ILE A 492 1.00 20.37 19.08
CA ILE A 492 -0.16 21.28 19.31
C ILE A 492 -1.38 20.41 19.62
N ALA A 493 -1.61 19.37 18.80
CA ALA A 493 -2.75 18.43 18.92
C ALA A 493 -2.73 17.78 20.32
N LEU A 494 -1.59 17.21 20.70
CA LEU A 494 -1.42 16.49 21.99
C LEU A 494 -1.57 17.47 23.15
N ASP A 495 -1.11 18.72 23.01
CA ASP A 495 -1.27 19.79 24.03
C ASP A 495 -2.77 20.07 24.21
N LEU A 496 -3.53 20.11 23.10
CA LEU A 496 -4.99 20.39 23.08
C LEU A 496 -5.77 19.19 23.62
N ILE A 497 -5.32 17.97 23.33
CA ILE A 497 -5.90 16.71 23.89
C ILE A 497 -5.65 16.69 25.41
N SER A 498 -4.43 17.00 25.83
CA SER A 498 -4.02 17.15 27.26
C SER A 498 -4.95 18.12 27.98
N GLU A 499 -5.20 19.30 27.39
CA GLU A 499 -6.12 20.33 27.96
C GLU A 499 -7.50 19.69 28.16
N ALA A 500 -7.97 18.93 27.17
CA ALA A 500 -9.33 18.33 27.12
C ALA A 500 -9.46 17.23 28.18
N ASN A 501 -8.35 16.66 28.61
CA ASN A 501 -8.30 15.56 29.62
C ASN A 501 -7.80 16.13 30.96
N HIS A 502 -8.04 17.43 31.19
CA HIS A 502 -7.84 18.14 32.49
C HIS A 502 -6.40 18.01 32.97
N PHE A 503 -5.43 17.98 32.05
CA PHE A 503 -3.99 18.12 32.39
C PHE A 503 -3.68 19.61 32.53
N PRO A 504 -3.11 20.05 33.68
CA PRO A 504 -2.59 21.41 33.79
C PRO A 504 -1.44 21.59 32.78
N LYS A 505 -1.20 22.82 32.31
CA LYS A 505 -0.19 23.14 31.26
C LYS A 505 1.17 22.52 31.64
N GLU A 506 1.89 21.99 30.64
CA GLU A 506 3.29 21.47 30.76
C GLU A 506 3.32 20.15 31.55
N THR A 507 2.16 19.48 31.75
CA THR A 507 2.06 18.11 32.33
C THR A 507 2.72 17.11 31.37
N LEU A 508 2.23 17.03 30.13
CA LEU A 508 2.85 16.24 29.04
C LEU A 508 4.08 16.99 28.54
N GLU A 509 5.26 16.37 28.64
CA GLU A 509 6.55 16.91 28.14
C GLU A 509 6.85 16.24 26.79
N PHE A 510 7.72 16.86 25.99
CA PHE A 510 8.12 16.37 24.64
C PHE A 510 9.63 16.09 24.63
N TRP A 511 9.99 14.81 24.68
CA TRP A 511 11.37 14.28 24.84
C TRP A 511 12.29 14.81 23.73
N LEU A 512 11.84 14.78 22.47
CA LEU A 512 12.67 15.14 21.27
C LEU A 512 13.31 16.53 21.49
N ARG A 513 12.50 17.53 21.88
CA ARG A 513 12.96 18.93 22.13
C ARG A 513 12.75 19.27 23.61
N MET A 521 18.81 9.32 21.03
CA MET A 521 19.50 9.01 22.31
C MET A 521 18.46 8.67 23.39
N LEU A 522 18.66 7.54 24.07
CA LEU A 522 17.83 7.09 25.22
C LEU A 522 18.60 7.37 26.52
N GLN A 523 18.17 8.39 27.27
CA GLN A 523 18.83 8.86 28.51
C GLN A 523 17.82 8.86 29.66
N ARG A 524 18.31 8.79 30.90
CA ARG A 524 17.50 8.89 32.15
C ARG A 524 16.52 10.06 32.02
N PRO A 525 15.35 10.01 32.69
CA PRO A 525 14.42 11.13 32.69
C PRO A 525 14.98 12.36 33.42
N LYS A 526 15.75 12.15 34.49
CA LYS A 526 16.43 13.22 35.29
C LYS A 526 17.84 12.75 35.66
N SER A 527 18.46 13.39 36.67
CA SER A 527 19.84 13.11 37.15
C SER A 527 19.92 11.71 37.77
N ASP A 528 19.26 11.50 38.91
CA ASP A 528 19.32 10.23 39.71
C ASP A 528 17.96 9.52 39.67
N LYS A 529 17.09 9.87 38.72
CA LYS A 529 15.74 9.27 38.54
C LYS A 529 15.76 8.34 37.32
N LEU A 530 14.93 7.29 37.33
CA LEU A 530 14.85 6.25 36.27
C LEU A 530 13.42 6.15 35.73
N TRP A 531 13.25 5.54 34.55
CA TRP A 531 11.94 5.33 33.87
C TRP A 531 11.18 4.17 34.54
N SER A 532 9.89 4.37 34.84
CA SER A 532 8.97 3.36 35.38
C SER A 532 8.43 2.47 34.24
N ILE A 533 8.00 3.09 33.13
CA ILE A 533 7.63 2.38 31.86
C ILE A 533 8.38 3.02 30.68
N ILE A 534 8.83 2.19 29.75
CA ILE A 534 9.39 2.59 28.43
C ILE A 534 8.63 1.82 27.35
N ILE A 535 7.84 2.53 26.52
CA ILE A 535 7.15 1.95 25.32
C ILE A 535 8.10 2.05 24.13
N LEU A 536 8.35 0.93 23.44
CA LEU A 536 9.21 0.90 22.22
C LEU A 536 8.37 0.50 21.00
N ASP A 537 8.81 0.93 19.82
CA ASP A 537 8.20 0.58 18.51
C ASP A 537 8.95 -0.64 17.98
N VAL A 538 8.29 -1.81 17.97
CA VAL A 538 8.95 -3.11 17.68
C VAL A 538 8.66 -3.53 16.24
N ILE A 539 7.42 -3.35 15.76
CA ILE A 539 6.96 -3.89 14.45
C ILE A 539 6.68 -2.71 13.51
N GLU A 540 7.29 -2.72 12.33
CA GLU A 540 7.04 -1.75 11.25
C GLU A 540 5.62 -1.94 10.74
N PRO A 541 4.99 -0.91 10.13
CA PRO A 541 3.75 -1.10 9.39
C PRO A 541 3.89 -2.15 8.27
N SER A 542 5.09 -2.31 7.73
CA SER A 542 5.42 -3.22 6.61
C SER A 542 5.12 -4.67 6.99
N GLY A 543 5.23 -5.00 8.29
CA GLY A 543 5.05 -6.35 8.84
C GLY A 543 6.36 -7.01 9.22
N LEU A 544 7.48 -6.28 9.07
CA LEU A 544 8.85 -6.68 9.51
C LEU A 544 9.16 -6.04 10.86
N ILE A 545 10.16 -6.57 11.57
CA ILE A 545 10.63 -6.03 12.88
C ILE A 545 11.38 -4.72 12.63
N GLN A 546 11.29 -3.76 13.56
CA GLN A 546 12.00 -2.46 13.48
C GLN A 546 13.50 -2.69 13.61
N GLN A 547 14.30 -2.00 12.78
CA GLN A 547 15.78 -2.09 12.76
C GLN A 547 16.32 -1.55 14.10
N GLU A 548 17.31 -2.24 14.68
CA GLU A 548 18.02 -1.85 15.94
C GLU A 548 17.06 -1.90 17.13
N ILE A 549 16.11 -2.85 17.14
CA ILE A 549 15.10 -3.00 18.23
C ILE A 549 15.80 -3.61 19.45
N MET A 550 16.64 -4.63 19.22
CA MET A 550 17.39 -5.34 20.29
C MET A 550 18.35 -4.35 20.98
N GLU A 551 19.00 -3.47 20.21
CA GLU A 551 19.95 -2.44 20.72
C GLU A 551 19.20 -1.44 21.61
N LYS A 552 18.12 -0.84 21.10
CA LYS A 552 17.27 0.12 21.84
C LYS A 552 16.72 -0.55 23.11
N ALA A 553 16.34 -1.84 23.02
CA ALA A 553 15.81 -2.63 24.15
C ALA A 553 16.88 -2.79 25.23
N ALA A 554 18.11 -3.12 24.84
CA ALA A 554 19.27 -3.31 25.73
C ALA A 554 19.62 -1.99 26.42
N ILE A 555 19.72 -0.90 25.66
CA ILE A 555 20.00 0.46 26.20
C ILE A 555 18.91 0.84 27.20
N SER A 556 17.65 0.49 26.89
CA SER A 556 16.44 0.87 27.65
C SER A 556 16.36 0.10 28.97
N ARG A 557 16.80 -1.16 28.97
CA ARG A 557 16.76 -2.06 30.16
C ARG A 557 17.48 -1.38 31.33
N CYS A 558 18.57 -0.66 31.05
CA CYS A 558 19.51 -0.08 32.05
C CYS A 558 18.95 1.23 32.61
N LEU A 559 17.99 1.86 31.92
CA LEU A 559 17.36 3.14 32.34
C LEU A 559 16.07 2.88 33.14
N LEU A 560 15.78 1.61 33.46
CA LEU A 560 14.52 1.19 34.13
C LEU A 560 14.67 1.31 35.65
N GLN A 561 13.57 1.65 36.34
CA GLN A 561 13.45 1.59 37.82
C GLN A 561 13.33 0.12 38.24
N SER A 562 13.55 -0.18 39.53
CA SER A 562 13.42 -1.54 40.12
C SER A 562 12.00 -2.08 39.87
N GLY A 563 11.88 -3.07 38.98
CA GLY A 563 10.60 -3.71 38.62
C GLY A 563 9.87 -2.96 37.52
N GLY A 564 10.48 -1.90 36.98
CA GLY A 564 9.96 -1.16 35.81
C GLY A 564 9.97 -2.05 34.56
N LYS A 565 9.20 -1.68 33.55
CA LYS A 565 8.93 -2.57 32.37
C LYS A 565 9.10 -1.80 31.05
N ILE A 566 9.78 -2.42 30.09
CA ILE A 566 9.72 -2.09 28.63
C ILE A 566 8.49 -2.77 28.03
N PHE A 567 7.69 -2.01 27.27
CA PHE A 567 6.50 -2.50 26.54
C PHE A 567 6.79 -2.48 25.04
N PRO A 568 6.57 -3.58 24.30
CA PRO A 568 6.13 -4.86 24.89
C PRO A 568 7.32 -5.60 25.51
N GLN A 569 7.05 -6.42 26.54
CA GLN A 569 8.09 -7.20 27.27
C GLN A 569 8.69 -8.24 26.32
N TYR A 570 7.87 -8.88 25.50
CA TYR A 570 8.32 -9.80 24.42
C TYR A 570 7.28 -9.83 23.30
N VAL A 571 7.73 -10.27 22.13
CA VAL A 571 6.91 -10.39 20.89
C VAL A 571 7.09 -11.81 20.34
N LEU A 572 5.99 -12.55 20.19
CA LEU A 572 5.97 -13.88 19.50
C LEU A 572 5.57 -13.65 18.06
N MET A 573 6.37 -14.12 17.11
CA MET A 573 6.00 -14.19 15.67
C MET A 573 5.27 -15.52 15.42
N PHE A 574 4.03 -15.44 14.94
CA PHE A 574 3.21 -16.61 14.55
C PHE A 574 3.24 -16.74 13.03
N GLY A 575 3.12 -17.98 12.55
CA GLY A 575 3.20 -18.30 11.12
C GLY A 575 2.10 -19.27 10.72
N LEU A 576 1.97 -19.51 9.42
CA LEU A 576 0.88 -20.31 8.82
C LEU A 576 1.39 -20.87 7.49
N LEU A 577 1.13 -22.15 7.22
CA LEU A 577 1.42 -22.78 5.91
C LEU A 577 0.20 -22.57 5.02
N VAL A 578 0.37 -21.91 3.87
CA VAL A 578 -0.77 -21.60 2.94
C VAL A 578 -0.39 -21.99 1.51
N GLU A 579 -1.37 -22.54 0.79
CA GLU A 579 -1.36 -22.67 -0.68
C GLU A 579 -2.04 -21.43 -1.25
N SER A 580 -1.25 -20.45 -1.70
CA SER A 580 -1.72 -19.19 -2.31
C SER A 580 -1.15 -19.05 -3.72
N GLN A 581 -1.99 -19.27 -4.74
CA GLN A 581 -1.66 -19.02 -6.17
C GLN A 581 -1.43 -17.52 -6.36
N THR A 582 -2.19 -16.68 -5.65
CA THR A 582 -2.17 -15.20 -5.76
C THR A 582 -0.79 -14.67 -5.37
N LEU A 583 -0.28 -15.05 -4.20
CA LEU A 583 1.05 -14.61 -3.69
C LEU A 583 2.13 -15.08 -4.66
N LEU A 584 1.97 -16.29 -5.20
CA LEU A 584 2.89 -16.94 -6.16
C LEU A 584 2.93 -16.12 -7.46
N GLU A 585 1.77 -15.72 -7.98
CA GLU A 585 1.63 -15.05 -9.30
C GLU A 585 1.99 -13.56 -9.18
N GLU A 586 2.11 -13.04 -7.96
CA GLU A 586 2.52 -11.64 -7.68
C GLU A 586 4.03 -11.59 -7.42
N ASN A 587 4.68 -12.76 -7.41
CA ASN A 587 6.11 -12.95 -7.03
C ASN A 587 6.95 -13.29 -8.28
N ALA A 588 6.42 -14.16 -9.15
CA ALA A 588 7.15 -14.79 -10.27
C ALA A 588 6.20 -15.02 -11.45
N VAL A 589 6.70 -14.83 -12.68
CA VAL A 589 5.97 -15.12 -13.94
C VAL A 589 5.95 -16.65 -14.16
N GLN A 590 4.77 -17.20 -14.40
CA GLN A 590 4.52 -18.67 -14.52
C GLN A 590 4.76 -19.11 -15.97
N GLY A 591 6.04 -19.26 -16.36
CA GLY A 591 6.47 -19.88 -17.62
C GLY A 591 6.33 -18.94 -18.82
N THR A 592 5.96 -19.50 -19.97
CA THR A 592 5.91 -18.81 -21.30
C THR A 592 4.47 -18.67 -21.77
N GLU A 593 3.61 -19.66 -21.48
CA GLU A 593 2.19 -19.73 -21.92
C GLU A 593 1.51 -18.37 -21.76
N ARG A 594 1.67 -17.75 -20.58
CA ARG A 594 0.96 -16.50 -20.18
C ARG A 594 1.50 -15.31 -20.97
N THR A 595 2.79 -15.34 -21.31
CA THR A 595 3.48 -14.30 -22.15
C THR A 595 3.34 -14.67 -23.63
N LEU A 596 2.51 -15.68 -23.95
CA LEU A 596 2.11 -16.10 -25.32
C LEU A 596 3.34 -16.63 -26.07
N GLY A 597 4.10 -17.54 -25.45
CA GLY A 597 5.22 -18.27 -26.07
C GLY A 597 6.56 -17.58 -25.87
N LEU A 598 6.53 -16.28 -25.54
CA LEU A 598 7.73 -15.41 -25.34
C LEU A 598 8.43 -15.78 -24.03
N ASN A 599 9.76 -15.84 -24.05
CA ASN A 599 10.61 -16.26 -22.90
C ASN A 599 11.06 -15.00 -22.15
N ILE A 600 10.32 -14.66 -21.08
CA ILE A 600 10.53 -13.45 -20.23
C ILE A 600 10.72 -13.88 -18.76
N ALA A 601 10.06 -14.97 -18.35
CA ALA A 601 9.98 -15.47 -16.94
C ALA A 601 11.38 -15.62 -16.37
N PRO A 602 12.31 -16.36 -17.03
CA PRO A 602 13.62 -16.63 -16.44
C PRO A 602 14.43 -15.37 -16.12
N PHE A 603 14.08 -14.23 -16.71
CA PHE A 603 14.86 -12.96 -16.66
C PHE A 603 14.28 -12.01 -15.62
N ILE A 604 12.95 -11.86 -15.57
CA ILE A 604 12.24 -11.01 -14.57
C ILE A 604 12.30 -11.70 -13.20
N ASN A 605 12.24 -13.05 -13.17
CA ASN A 605 12.20 -13.88 -11.94
C ASN A 605 13.57 -13.88 -11.23
N GLN A 606 14.59 -13.29 -11.85
CA GLN A 606 15.91 -13.06 -11.20
C GLN A 606 15.70 -12.15 -9.98
N PHE A 607 14.78 -11.19 -10.10
CA PHE A 607 14.47 -10.16 -9.07
C PHE A 607 13.30 -10.63 -8.20
N GLN A 608 13.27 -11.93 -7.85
CA GLN A 608 12.22 -12.55 -6.98
C GLN A 608 12.41 -12.07 -5.54
N VAL A 609 11.40 -11.40 -4.98
CA VAL A 609 11.38 -10.97 -3.55
C VAL A 609 11.19 -12.20 -2.68
N PRO A 610 12.05 -12.43 -1.66
CA PRO A 610 11.88 -13.57 -0.76
C PRO A 610 10.72 -13.36 0.24
N ILE A 611 10.52 -12.11 0.67
CA ILE A 611 9.53 -11.71 1.70
C ILE A 611 8.60 -10.63 1.12
N ARG A 612 7.30 -10.88 1.14
CA ARG A 612 6.23 -9.93 0.73
C ARG A 612 5.84 -9.08 1.95
N VAL A 613 5.81 -7.76 1.79
CA VAL A 613 5.55 -6.77 2.89
C VAL A 613 4.21 -6.07 2.61
N PHE A 614 3.72 -5.33 3.60
CA PHE A 614 2.49 -4.50 3.51
C PHE A 614 1.32 -5.36 3.00
N LEU A 615 1.23 -6.60 3.48
CA LEU A 615 0.23 -7.60 3.03
C LEU A 615 -1.04 -7.45 3.88
N ASP A 616 -2.22 -7.45 3.23
CA ASP A 616 -3.54 -7.63 3.89
C ASP A 616 -3.85 -9.12 3.95
N LEU A 617 -3.23 -9.81 4.91
CA LEU A 617 -3.43 -11.24 5.21
C LEU A 617 -4.92 -11.58 5.14
N SER A 618 -5.76 -10.80 5.84
CA SER A 618 -7.21 -11.06 6.05
C SER A 618 -7.91 -11.27 4.69
N SER A 619 -7.55 -10.47 3.68
CA SER A 619 -8.25 -10.41 2.37
C SER A 619 -7.61 -11.39 1.37
N LEU A 620 -6.44 -11.95 1.71
CA LEU A 620 -5.62 -12.77 0.77
C LEU A 620 -6.35 -14.07 0.46
N PRO A 621 -6.57 -14.41 -0.83
CA PRO A 621 -7.07 -15.72 -1.21
C PRO A 621 -5.93 -16.73 -1.08
N CYS A 622 -6.11 -17.72 -0.20
CA CYS A 622 -5.16 -18.83 0.06
C CYS A 622 -5.91 -19.96 0.78
N ILE A 623 -5.22 -21.08 1.02
CA ILE A 623 -5.75 -22.26 1.77
C ILE A 623 -4.81 -22.52 2.94
N PRO A 624 -5.31 -22.62 4.18
CA PRO A 624 -4.47 -23.01 5.32
C PRO A 624 -4.16 -24.51 5.29
N LEU A 625 -2.86 -24.85 5.20
CA LEU A 625 -2.35 -26.24 5.26
C LEU A 625 -1.98 -26.59 6.69
N SER A 626 -1.98 -25.60 7.60
CA SER A 626 -1.62 -25.76 9.02
C SER A 626 -2.44 -24.81 9.89
N LYS A 627 -2.11 -24.75 11.18
CA LYS A 627 -2.66 -23.79 12.16
C LYS A 627 -1.58 -22.76 12.47
N PRO A 628 -1.95 -21.55 12.92
CA PRO A 628 -0.97 -20.52 13.25
C PRO A 628 -0.06 -21.02 14.38
N VAL A 629 1.24 -21.07 14.13
CA VAL A 629 2.25 -21.73 15.02
C VAL A 629 3.37 -20.72 15.33
N GLU A 630 3.83 -20.70 16.58
CA GLU A 630 4.87 -19.76 17.08
C GLU A 630 6.20 -20.08 16.40
N LEU A 631 6.73 -19.12 15.62
CA LEU A 631 7.92 -19.31 14.76
C LEU A 631 9.18 -18.82 15.49
N LEU A 632 9.10 -17.70 16.22
CA LEU A 632 10.25 -17.18 17.00
C LEU A 632 9.76 -16.24 18.11
N ARG A 633 10.53 -16.17 19.19
CA ARG A 633 10.31 -15.23 20.34
C ARG A 633 11.40 -14.17 20.30
N LEU A 634 10.99 -12.89 20.35
CA LEU A 634 11.88 -11.72 20.46
C LEU A 634 11.61 -11.04 21.81
N ASP A 635 12.47 -11.30 22.80
CA ASP A 635 12.25 -10.88 24.21
C ASP A 635 13.07 -9.61 24.49
N LEU A 636 12.39 -8.55 24.91
CA LEU A 636 12.99 -7.21 25.14
C LEU A 636 13.55 -7.12 26.56
N MET A 637 12.92 -7.82 27.51
CA MET A 637 13.30 -7.81 28.94
C MET A 637 14.44 -8.81 29.21
N THR A 638 14.54 -9.88 28.41
CA THR A 638 15.51 -11.00 28.57
C THR A 638 16.06 -11.40 27.20
N PRO A 639 17.13 -10.73 26.70
CA PRO A 639 17.69 -11.05 25.38
C PRO A 639 18.09 -12.53 25.18
N TYR A 640 18.37 -13.23 26.28
CA TYR A 640 18.84 -14.64 26.30
C TYR A 640 17.78 -15.57 25.68
N LEU A 641 16.49 -15.22 25.79
CA LEU A 641 15.36 -16.07 25.32
C LEU A 641 15.09 -15.80 23.84
N ASN A 642 15.90 -14.94 23.20
CA ASN A 642 15.81 -14.62 21.75
C ASN A 642 16.28 -15.83 20.94
N THR A 643 15.45 -16.26 19.99
CA THR A 643 15.78 -17.29 18.96
C THR A 643 16.99 -16.80 18.15
N SER A 644 18.10 -17.53 18.22
CA SER A 644 19.33 -17.28 17.41
C SER A 644 19.12 -17.89 16.01
N ASN A 645 18.82 -19.18 15.94
CA ASN A 645 18.55 -19.92 14.67
C ASN A 645 17.92 -21.28 15.00
N ARG A 646 16.62 -21.29 15.33
CA ARG A 646 15.90 -22.49 15.87
C ARG A 646 15.03 -23.09 14.77
N GLU A 647 14.80 -24.42 14.85
CA GLU A 647 13.91 -25.19 13.95
C GLU A 647 12.55 -25.36 14.62
N VAL A 648 11.47 -25.27 13.85
CA VAL A 648 10.06 -25.46 14.33
C VAL A 648 9.41 -26.59 13.53
N LYS A 649 8.84 -27.56 14.25
CA LYS A 649 8.14 -28.74 13.67
C LYS A 649 6.65 -28.41 13.52
N VAL A 650 6.21 -28.15 12.28
CA VAL A 650 4.82 -27.72 11.95
C VAL A 650 4.04 -28.93 11.44
N TYR A 651 2.95 -29.29 12.12
CA TYR A 651 2.03 -30.37 11.71
C TYR A 651 1.16 -29.89 10.53
N VAL A 652 1.18 -30.64 9.44
CA VAL A 652 0.44 -30.32 8.17
C VAL A 652 -0.99 -30.87 8.31
N CYS A 653 -1.97 -29.98 8.41
CA CYS A 653 -3.40 -30.30 8.68
C CYS A 653 -4.13 -30.62 7.38
N LYS A 654 -3.70 -30.03 6.26
CA LYS A 654 -4.33 -30.18 4.92
C LYS A 654 -3.24 -30.44 3.87
N SER A 655 -3.51 -31.36 2.94
CA SER A 655 -2.66 -31.66 1.76
C SER A 655 -2.82 -30.55 0.73
N GLY A 656 -1.71 -30.10 0.12
CA GLY A 656 -1.73 -29.07 -0.92
C GLY A 656 -0.33 -28.59 -1.29
N ARG A 657 -0.26 -27.59 -2.17
CA ARG A 657 0.99 -26.99 -2.70
C ARG A 657 1.35 -25.77 -1.83
N LEU A 658 2.18 -25.96 -0.80
CA LEU A 658 2.73 -24.85 0.02
C LEU A 658 3.46 -23.88 -0.92
N THR A 659 3.01 -22.62 -0.98
CA THR A 659 3.61 -21.54 -1.81
C THR A 659 4.17 -20.43 -0.92
N ALA A 660 3.65 -20.25 0.29
CA ALA A 660 3.98 -19.10 1.17
C ALA A 660 3.79 -19.44 2.65
N ILE A 661 4.45 -18.66 3.53
CA ILE A 661 4.29 -18.70 5.01
C ILE A 661 3.96 -17.28 5.47
N PRO A 662 2.68 -16.88 5.48
CA PRO A 662 2.30 -15.59 6.04
C PRO A 662 2.66 -15.56 7.53
N PHE A 663 3.12 -14.42 8.03
CA PHE A 663 3.53 -14.25 9.45
C PHE A 663 3.03 -12.90 9.96
N TRP A 664 2.68 -12.88 11.25
CA TRP A 664 2.29 -11.68 12.03
C TRP A 664 2.92 -11.83 13.43
N TYR A 665 2.50 -11.04 14.42
CA TYR A 665 3.10 -11.03 15.78
C TYR A 665 2.01 -10.97 16.84
N HIS A 666 2.31 -11.51 18.02
CA HIS A 666 1.57 -11.27 19.28
C HIS A 666 2.47 -10.48 20.22
N MET A 667 2.25 -9.18 20.32
CA MET A 667 3.06 -8.27 21.19
C MET A 667 2.50 -8.35 22.61
N TYR A 668 3.29 -8.87 23.55
CA TYR A 668 2.87 -9.11 24.96
C TYR A 668 3.31 -7.92 25.82
N LEU A 669 2.34 -7.13 26.30
CA LEU A 669 2.58 -5.98 27.21
C LEU A 669 2.88 -6.53 28.60
N ASP A 670 2.15 -7.58 29.00
CA ASP A 670 2.49 -8.47 30.14
C ASP A 670 2.13 -9.90 29.72
N GLU A 671 2.23 -10.87 30.63
CA GLU A 671 2.01 -12.32 30.33
C GLU A 671 0.53 -12.58 30.01
N GLU A 672 -0.37 -11.67 30.42
CA GLU A 672 -1.84 -11.77 30.19
C GLU A 672 -2.23 -11.00 28.92
N ILE A 673 -1.88 -9.70 28.83
CA ILE A 673 -2.35 -8.75 27.78
C ILE A 673 -1.43 -8.83 26.55
N ARG A 674 -1.99 -9.22 25.40
CA ARG A 674 -1.26 -9.35 24.12
C ARG A 674 -2.02 -8.61 23.01
N LEU A 675 -1.31 -7.80 22.23
CA LEU A 675 -1.84 -7.11 21.02
C LEU A 675 -1.54 -7.97 19.80
N ASP A 676 -2.50 -8.11 18.88
CA ASP A 676 -2.37 -8.89 17.63
C ASP A 676 -2.20 -7.90 16.47
N THR A 677 -1.12 -8.05 15.69
CA THR A 677 -0.79 -7.16 14.55
C THR A 677 -1.56 -7.62 13.30
N SER A 678 -2.39 -8.67 13.44
CA SER A 678 -3.26 -9.20 12.36
C SER A 678 -4.74 -8.99 12.71
N SER A 679 -5.04 -8.32 13.83
CA SER A 679 -6.42 -8.03 14.28
C SER A 679 -7.13 -7.17 13.21
N GLU A 680 -8.46 -7.13 13.27
CA GLU A 680 -9.34 -6.39 12.31
C GLU A 680 -8.93 -4.91 12.29
N ALA A 681 -8.68 -4.34 13.47
CA ALA A 681 -8.45 -2.89 13.69
C ALA A 681 -6.93 -2.58 13.62
N SER A 682 -6.09 -3.60 13.50
CA SER A 682 -4.60 -3.48 13.41
C SER A 682 -4.21 -2.36 12.44
N HIS A 683 -3.26 -1.51 12.87
CA HIS A 683 -2.63 -0.42 12.08
C HIS A 683 -1.28 -0.89 11.53
N TRP A 684 -0.94 -2.16 11.77
CA TRP A 684 0.17 -2.88 11.11
C TRP A 684 -0.40 -3.65 9.93
N LYS A 685 0.33 -3.72 8.82
CA LYS A 685 0.08 -4.72 7.76
C LYS A 685 0.85 -5.98 8.13
N GLN A 686 0.51 -7.10 7.51
CA GLN A 686 1.18 -8.40 7.73
C GLN A 686 2.21 -8.59 6.62
N ALA A 687 2.91 -9.72 6.62
CA ALA A 687 3.96 -10.08 5.64
C ALA A 687 3.91 -11.60 5.41
N ALA A 688 4.74 -12.10 4.50
CA ALA A 688 4.76 -13.52 4.09
C ALA A 688 6.09 -13.85 3.41
N VAL A 689 6.69 -14.99 3.79
CA VAL A 689 7.78 -15.65 3.03
C VAL A 689 7.13 -16.39 1.86
N VAL A 690 7.47 -16.01 0.64
CA VAL A 690 7.01 -16.69 -0.61
C VAL A 690 8.17 -17.55 -1.13
N LEU A 691 7.94 -18.85 -1.30
CA LEU A 691 8.97 -19.83 -1.72
C LEU A 691 9.32 -19.61 -3.19
N ASP A 692 10.60 -19.72 -3.55
CA ASP A 692 11.12 -19.65 -4.94
C ASP A 692 10.53 -20.80 -5.76
N ASN A 693 10.48 -21.99 -5.17
CA ASN A 693 9.86 -23.22 -5.74
C ASN A 693 8.83 -23.75 -4.75
N PRO A 694 7.53 -23.87 -5.13
CA PRO A 694 6.51 -24.40 -4.24
C PRO A 694 6.71 -25.89 -3.91
N ILE A 695 6.46 -26.27 -2.65
CA ILE A 695 6.63 -27.65 -2.09
C ILE A 695 5.25 -28.27 -1.88
N GLN A 696 5.00 -29.46 -2.43
CA GLN A 696 3.74 -30.23 -2.23
C GLN A 696 3.82 -30.93 -0.87
N VAL A 697 2.97 -30.53 0.10
CA VAL A 697 2.91 -31.08 1.49
C VAL A 697 1.69 -32.00 1.61
N GLU A 698 1.87 -33.16 2.24
CA GLU A 698 0.80 -34.17 2.50
C GLU A 698 0.34 -34.03 3.97
N MET A 699 -0.94 -34.32 4.23
CA MET A 699 -1.57 -34.23 5.58
C MET A 699 -0.94 -35.27 6.51
N GLY A 700 -0.81 -34.93 7.80
CA GLY A 700 -0.25 -35.82 8.85
C GLY A 700 1.27 -35.79 8.85
N GLU A 701 1.88 -34.90 8.06
CA GLU A 701 3.35 -34.77 7.87
C GLU A 701 3.88 -33.67 8.81
N GLU A 702 5.01 -33.91 9.48
CA GLU A 702 5.64 -32.95 10.43
C GLU A 702 6.74 -32.18 9.70
N LEU A 703 6.35 -31.12 8.98
CA LEU A 703 7.24 -30.25 8.15
C LEU A 703 8.13 -29.41 9.08
N VAL A 704 9.43 -29.36 8.80
CA VAL A 704 10.45 -28.57 9.55
C VAL A 704 10.60 -27.20 8.88
N LEU A 705 10.74 -26.15 9.69
CA LEU A 705 11.06 -24.76 9.23
C LEU A 705 12.33 -24.29 9.94
N SER A 706 13.36 -23.94 9.15
CA SER A 706 14.63 -23.34 9.63
C SER A 706 14.45 -21.81 9.75
N ILE A 707 14.18 -21.32 10.97
CA ILE A 707 14.00 -19.87 11.27
C ILE A 707 15.32 -19.33 11.85
N GLN A 708 16.06 -18.55 11.05
CA GLN A 708 17.27 -17.80 11.47
C GLN A 708 16.88 -16.35 11.77
N HIS A 709 17.30 -15.82 12.93
CA HIS A 709 17.04 -14.42 13.37
C HIS A 709 18.36 -13.73 13.73
N HIS A 710 18.63 -12.56 13.12
CA HIS A 710 19.83 -11.72 13.38
C HIS A 710 19.43 -10.24 13.26
N LYS A 711 19.79 -9.43 14.26
CA LYS A 711 19.25 -8.05 14.44
C LYS A 711 17.74 -8.10 14.22
N SER A 712 17.22 -7.32 13.28
CA SER A 712 15.77 -7.22 12.97
C SER A 712 15.44 -7.97 11.66
N ASN A 713 16.30 -8.89 11.24
CA ASN A 713 16.11 -9.73 10.02
C ASN A 713 15.79 -11.16 10.46
N VAL A 714 14.89 -11.81 9.72
CA VAL A 714 14.40 -13.19 10.01
C VAL A 714 14.30 -13.94 8.68
N SER A 715 14.98 -15.10 8.58
CA SER A 715 14.88 -16.05 7.44
C SER A 715 14.06 -17.26 7.87
N ILE A 716 13.08 -17.66 7.04
CA ILE A 716 12.26 -18.90 7.19
C ILE A 716 12.39 -19.71 5.90
N THR A 717 12.86 -20.96 6.00
CA THR A 717 12.97 -21.89 4.84
C THR A 717 12.38 -23.25 5.22
N VAL A 718 11.85 -23.98 4.24
CA VAL A 718 11.39 -25.39 4.39
C VAL A 718 12.64 -26.29 4.40
N LYS A 719 12.75 -27.17 5.40
CA LYS A 719 13.86 -28.15 5.55
C LYS A 719 13.33 -29.57 5.28
#